data_1NRQ
#
_entry.id   1NRQ
#
_cell.length_a   130.400
_cell.length_b   52.100
_cell.length_c   63.500
_cell.angle_alpha   90.00
_cell.angle_beta   101.00
_cell.angle_gamma   90.00
#
_symmetry.space_group_name_H-M   'C 1 2 1'
#
loop_
_entity.id
_entity.type
_entity.pdbx_description
1 polymer 'ALPHA-THROMBIN (SMALL SUBUNIT)'
2 polymer 'ALPHA-THROMBIN (LARGE SUBUNIT)'
3 polymer "RECEPTOR BASED PEPTIDE D-FPR'S"
#
loop_
_entity_poly.entity_id
_entity_poly.type
_entity_poly.pdbx_seq_one_letter_code
_entity_poly.pdbx_strand_id
1 'polypeptide(L)' TFGSGEADCGLRPLFEKKSLEDKTERELLESYIDGR L
2 'polypeptide(L)'
;IVEGSDAEIGMSPWQVMLFRKSPQELLCGASLISDRWVLTAAHCLLYPPWDKNFTENDLLVRIGKHSRTRYERNIEKISM
LEKIYIHPRYNWRENLDRDIALMKLKKPVAFSDYIHPVCLPDRETAASLLQAGYKGRVTGWGNLKETWTANVGKGQPSVL
QVVNLPIVERPVCKDSTRIRITDNMFCAGYKPDEGKRGDACEGDSGGPFVMKSPFNNRWYQMGIVSWGEGCDRDGKYGFY
THVFRLKKWIQKVIDQFGE
;
H
3 'polypeptide(L)' (DPN)P(HMR)S(DPN)LLRNPNDKYEPFWEDEE R
#
# COMPACT_ATOMS: atom_id res chain seq x y z
N ASP A 8 2.05 13.11 15.69
CA ASP A 8 0.67 12.66 15.97
C ASP A 8 0.37 11.49 15.02
N CYS A 9 1.24 11.49 14.02
CA CYS A 9 1.25 10.52 12.94
C CYS A 9 1.10 9.13 13.55
N GLY A 10 0.73 8.17 12.77
CA GLY A 10 0.52 6.77 13.13
C GLY A 10 -0.66 6.70 14.12
N LEU A 11 -1.13 7.84 14.56
CA LEU A 11 -2.19 7.93 15.57
C LEU A 11 -3.65 8.02 15.14
N ARG A 12 -4.28 6.89 14.84
CA ARG A 12 -5.66 6.79 14.39
C ARG A 12 -6.67 7.46 15.30
N PRO A 13 -7.14 8.64 14.94
CA PRO A 13 -8.11 9.39 15.71
C PRO A 13 -9.45 8.74 16.06
N LEU A 14 -9.70 7.51 15.66
CA LEU A 14 -10.98 6.81 15.93
C LEU A 14 -10.78 5.50 16.67
N PHE A 15 -9.53 5.25 16.99
CA PHE A 15 -9.09 4.01 17.68
C PHE A 15 -8.13 4.39 18.81
N GLU A 16 -6.85 4.40 18.49
CA GLU A 16 -5.74 4.77 19.36
C GLU A 16 -5.99 6.11 20.04
N LYS A 17 -6.18 7.11 19.21
CA LYS A 17 -6.44 8.48 19.62
C LYS A 17 -7.49 8.57 20.71
N LYS A 18 -8.12 7.46 21.06
CA LYS A 18 -9.12 7.51 22.17
C LYS A 18 -9.68 6.13 22.43
N SER A 19 -8.74 5.26 22.72
CA SER A 19 -8.69 3.89 23.07
C SER A 19 -9.45 2.83 22.30
N LEU A 20 -9.66 2.93 21.00
CA LEU A 20 -10.36 1.79 20.35
C LEU A 20 -9.24 0.88 19.85
N GLU A 21 -9.63 -0.34 19.62
CA GLU A 21 -8.70 -1.38 19.09
C GLU A 21 -9.54 -2.13 18.05
N ASP A 22 -9.24 -1.96 16.78
CA ASP A 22 -9.95 -2.52 15.63
C ASP A 22 -10.00 -4.04 15.58
N LYS A 23 -11.18 -4.52 15.29
CA LYS A 23 -11.52 -5.94 15.18
C LYS A 23 -10.36 -6.88 14.94
N THR A 24 -9.37 -6.51 14.14
CA THR A 24 -8.24 -7.37 13.83
C THR A 24 -6.88 -6.97 14.36
N GLU A 25 -6.71 -5.80 14.95
CA GLU A 25 -5.38 -5.36 15.41
C GLU A 25 -4.63 -6.35 16.29
N ARG A 26 -5.38 -6.87 17.23
CA ARG A 26 -4.91 -7.85 18.21
C ARG A 26 -4.40 -9.18 17.65
N GLU A 27 -4.70 -9.47 16.40
CA GLU A 27 -4.27 -10.68 15.68
C GLU A 27 -2.85 -10.32 15.15
N LEU A 28 -2.79 -8.99 15.07
CA LEU A 28 -1.54 -8.36 14.61
C LEU A 28 -0.59 -8.68 15.76
N LEU A 29 -0.95 -8.26 16.95
CA LEU A 29 -0.21 -8.41 18.20
C LEU A 29 0.45 -9.72 18.62
N GLU A 30 0.12 -10.84 18.05
CA GLU A 30 0.74 -12.13 18.42
C GLU A 30 1.45 -12.79 17.27
N ILE B 1 -8.88 -7.07 -2.07
CA ILE B 1 -7.73 -7.92 -1.74
C ILE B 1 -8.19 -9.38 -1.67
N VAL B 2 -7.36 -10.30 -2.15
CA VAL B 2 -7.69 -11.73 -2.08
C VAL B 2 -7.76 -12.15 -0.58
N GLU B 3 -8.81 -12.91 -0.35
CA GLU B 3 -9.14 -13.42 0.97
C GLU B 3 -8.97 -12.29 1.96
N GLY B 4 -9.98 -11.46 2.08
CA GLY B 4 -9.85 -10.31 3.01
C GLY B 4 -11.14 -10.06 3.75
N SER B 5 -11.19 -8.94 4.44
CA SER B 5 -12.41 -8.55 5.18
C SER B 5 -12.57 -7.03 5.03
N ASP B 6 -13.79 -6.57 5.18
CA ASP B 6 -14.13 -5.14 5.04
C ASP B 6 -13.73 -4.33 6.26
N ALA B 7 -13.04 -3.26 5.92
CA ALA B 7 -12.47 -2.19 6.71
C ALA B 7 -13.53 -1.44 7.51
N GLU B 8 -13.01 -0.58 8.39
CA GLU B 8 -13.83 0.21 9.30
C GLU B 8 -13.52 1.69 9.20
N ILE B 9 -14.50 2.48 9.48
CA ILE B 9 -14.47 3.94 9.49
C ILE B 9 -13.37 4.47 10.38
N GLY B 10 -12.27 4.97 9.84
CA GLY B 10 -11.18 5.52 10.69
C GLY B 10 -9.92 4.66 10.77
N MET B 11 -10.02 3.39 10.56
CA MET B 11 -9.06 2.32 10.55
C MET B 11 -7.86 2.47 9.65
N SER B 12 -7.73 3.58 8.95
CA SER B 12 -6.58 3.82 8.05
C SER B 12 -6.71 5.16 7.34
N PRO B 13 -6.73 6.19 8.16
CA PRO B 13 -6.92 7.57 7.67
C PRO B 13 -5.82 8.00 6.71
N TRP B 14 -4.94 7.04 6.47
CA TRP B 14 -3.76 7.21 5.64
C TRP B 14 -3.95 6.78 4.19
N GLN B 15 -5.13 6.28 3.86
CA GLN B 15 -5.35 5.78 2.48
C GLN B 15 -6.13 6.82 1.66
N VAL B 16 -5.53 6.97 0.48
CA VAL B 16 -5.89 7.85 -0.62
C VAL B 16 -5.97 6.98 -1.89
N MET B 17 -6.80 7.41 -2.83
CA MET B 17 -7.03 6.73 -4.14
C MET B 17 -6.35 7.42 -5.33
N LEU B 18 -5.80 6.61 -6.23
CA LEU B 18 -5.14 7.11 -7.45
C LEU B 18 -6.08 6.99 -8.65
N PHE B 19 -6.98 7.97 -8.69
CA PHE B 19 -8.10 8.20 -9.57
C PHE B 19 -7.93 9.23 -10.67
N ARG B 20 -7.59 8.74 -11.87
CA ARG B 20 -7.44 9.60 -13.06
C ARG B 20 -8.82 10.19 -13.34
N LYS B 21 -8.82 11.28 -14.11
CA LYS B 21 -10.00 12.05 -14.48
C LYS B 21 -10.88 11.50 -15.61
N SER B 22 -10.26 10.76 -16.52
CA SER B 22 -10.89 10.16 -17.68
C SER B 22 -9.89 9.40 -18.56
N PRO B 23 -10.22 8.16 -18.89
CA PRO B 23 -11.44 7.49 -18.42
C PRO B 23 -11.59 7.83 -16.94
N GLN B 24 -12.45 8.77 -16.62
CA GLN B 24 -12.64 9.18 -15.21
C GLN B 24 -12.58 7.88 -14.38
N GLU B 25 -11.41 7.57 -13.83
CA GLU B 25 -11.25 6.30 -13.08
C GLU B 25 -10.20 6.22 -11.98
N LEU B 26 -10.24 5.06 -11.31
CA LEU B 26 -9.34 4.72 -10.20
C LEU B 26 -8.21 3.85 -10.75
N LEU B 27 -7.00 4.32 -10.60
CA LEU B 27 -5.82 3.59 -11.08
C LEU B 27 -5.05 2.87 -9.98
N CYS B 28 -4.88 3.47 -8.81
CA CYS B 28 -4.19 2.92 -7.67
C CYS B 28 -4.69 3.54 -6.33
N GLY B 29 -3.75 3.31 -5.41
CA GLY B 29 -3.77 3.72 -4.01
C GLY B 29 -2.48 4.33 -3.47
N ALA B 30 -2.68 5.18 -2.47
CA ALA B 30 -1.61 5.90 -1.78
C ALA B 30 -1.88 6.21 -0.32
N SER B 31 -0.81 6.77 0.26
CA SER B 31 -0.73 7.20 1.66
C SER B 31 -0.35 8.67 1.87
N LEU B 32 -0.93 9.14 2.98
CA LEU B 32 -0.72 10.51 3.47
C LEU B 32 0.42 10.54 4.51
N ILE B 33 1.65 10.67 3.98
CA ILE B 33 2.86 10.78 4.78
C ILE B 33 3.13 12.27 4.97
N SER B 34 2.10 13.09 5.08
CA SER B 34 2.23 14.53 5.28
C SER B 34 0.85 15.20 5.40
N ASP B 35 0.88 16.50 5.48
CA ASP B 35 -0.29 17.41 5.56
C ASP B 35 -0.47 17.88 4.10
N ARG B 36 0.62 17.59 3.38
CA ARG B 36 0.67 17.97 1.97
C ARG B 36 1.60 17.13 1.15
N TRP B 37 1.74 15.84 1.43
CA TRP B 37 2.62 14.99 0.58
C TRP B 37 1.99 13.61 0.42
N VAL B 38 2.32 12.92 -0.67
CA VAL B 38 1.72 11.59 -0.87
C VAL B 38 2.77 10.78 -1.64
N LEU B 39 2.87 9.52 -1.29
CA LEU B 39 3.87 8.64 -1.96
C LEU B 39 3.10 7.40 -2.44
N THR B 40 3.71 6.70 -3.41
CA THR B 40 3.11 5.46 -3.91
C THR B 40 3.97 4.73 -4.92
N ALA B 41 3.48 3.58 -5.33
CA ALA B 41 4.14 2.67 -6.28
C ALA B 41 4.70 3.44 -7.47
N ALA B 42 5.72 2.85 -8.05
CA ALA B 42 6.42 3.53 -9.16
C ALA B 42 5.76 3.30 -10.51
N HIS B 43 5.68 2.00 -10.78
CA HIS B 43 5.08 1.58 -12.07
C HIS B 43 3.74 2.31 -12.11
N CYS B 44 3.00 2.20 -11.02
CA CYS B 44 1.70 2.87 -10.89
C CYS B 44 1.71 4.24 -11.57
N LEU B 45 2.88 4.71 -12.02
CA LEU B 45 2.94 6.04 -12.67
C LEU B 45 3.80 6.08 -13.91
N LEU B 46 4.67 5.13 -14.17
CA LEU B 46 5.52 5.22 -15.39
C LEU B 46 5.87 3.84 -15.89
N TYR B 47 5.04 3.33 -16.79
CA TYR B 47 5.26 2.00 -17.35
C TYR B 47 5.18 1.98 -18.86
N PRO B 48 6.37 2.05 -19.47
CA PRO B 48 6.50 2.08 -20.91
C PRO B 48 5.89 0.89 -21.64
N PRO B 49 6.43 -0.28 -21.30
CA PRO B 49 6.00 -1.54 -21.92
C PRO B 49 4.51 -1.74 -22.19
N TRP B 50 3.72 -1.00 -21.44
CA TRP B 50 2.27 -0.96 -21.47
C TRP B 50 2.01 0.55 -21.35
N ASP B 51 2.35 1.19 -22.46
CA ASP B 51 2.40 2.64 -22.57
C ASP B 51 1.51 3.43 -21.57
N LYS B 52 2.27 4.01 -20.66
CA LYS B 52 1.81 4.85 -19.56
C LYS B 52 2.88 5.79 -19.05
N ASN B 53 2.26 6.94 -18.63
CA ASN B 53 2.99 8.06 -18.07
C ASN B 53 2.00 9.16 -17.74
N PHE B 54 2.09 9.76 -16.57
CA PHE B 54 1.07 10.78 -16.26
C PHE B 54 1.71 12.09 -15.89
N THR B 55 0.84 12.91 -15.34
CA THR B 55 1.22 14.24 -14.89
C THR B 55 0.08 14.77 -14.03
N GLU B 56 0.51 15.60 -13.10
CA GLU B 56 -0.38 16.27 -12.14
C GLU B 56 -1.75 16.42 -12.80
N ASN B 57 -1.63 16.92 -14.01
CA ASN B 57 -2.71 17.21 -14.94
C ASN B 57 -3.63 16.01 -15.11
N ASP B 58 -3.01 14.93 -15.58
CA ASP B 58 -3.69 13.66 -15.84
C ASP B 58 -4.78 13.34 -14.80
N LEU B 59 -4.26 13.07 -13.62
CA LEU B 59 -4.91 12.63 -12.40
C LEU B 59 -5.14 13.63 -11.30
N LEU B 60 -6.02 13.20 -10.45
CA LEU B 60 -6.53 13.88 -9.25
C LEU B 60 -6.54 12.83 -8.12
N VAL B 61 -6.28 13.25 -6.89
CA VAL B 61 -6.18 12.33 -5.72
C VAL B 61 -7.32 12.44 -4.72
N ARG B 62 -7.61 11.29 -4.11
CA ARG B 62 -8.73 11.23 -3.15
C ARG B 62 -8.54 10.42 -1.87
N ILE B 63 -9.01 11.07 -0.82
CA ILE B 63 -9.04 10.81 0.60
C ILE B 63 -10.40 10.82 1.35
N GLY B 64 -10.41 10.06 2.46
CA GLY B 64 -11.60 9.94 3.38
C GLY B 64 -12.41 8.66 3.02
N LYS B 65 -11.84 8.08 2.03
CA LYS B 65 -12.19 6.91 1.21
C LYS B 65 -12.80 5.59 1.77
N HIS B 66 -14.02 5.59 2.34
CA HIS B 66 -14.56 4.26 2.76
C HIS B 66 -15.13 3.54 1.55
N SER B 67 -16.10 4.13 0.87
CA SER B 67 -16.73 3.50 -0.32
C SER B 67 -15.92 3.74 -1.59
N ARG B 68 -15.70 2.64 -2.28
CA ARG B 68 -14.97 2.52 -3.54
C ARG B 68 -15.64 3.06 -4.82
N THR B 69 -16.91 3.33 -4.71
CA THR B 69 -17.77 3.82 -5.79
C THR B 69 -18.34 5.20 -5.49
N ARG B 70 -19.20 5.28 -4.52
CA ARG B 70 -19.88 6.48 -4.07
C ARG B 70 -19.14 7.81 -4.22
N TYR B 71 -19.76 8.78 -3.54
CA TYR B 71 -19.26 10.14 -3.42
C TYR B 71 -19.27 10.45 -1.91
N GLU B 72 -18.19 10.04 -1.28
CA GLU B 72 -17.99 10.32 0.17
C GLU B 72 -18.01 11.85 0.24
N ARG B 73 -19.19 12.35 0.56
CA ARG B 73 -19.50 13.77 0.57
C ARG B 73 -18.71 14.62 1.56
N ASN B 74 -19.27 14.63 2.77
CA ASN B 74 -18.65 15.46 3.82
C ASN B 74 -17.75 14.69 4.78
N ILE B 75 -17.09 13.68 4.22
CA ILE B 75 -16.13 12.86 4.98
C ILE B 75 -14.92 12.58 4.09
N GLU B 76 -15.10 12.83 2.81
CA GLU B 76 -14.10 12.61 1.77
C GLU B 76 -13.43 13.89 1.30
N LYS B 77 -12.12 13.78 1.19
CA LYS B 77 -11.18 14.82 0.81
C LYS B 77 -10.59 14.54 -0.58
N ILE B 78 -10.14 15.60 -1.25
CA ILE B 78 -9.52 15.34 -2.56
C ILE B 78 -8.86 16.55 -3.17
N SER B 79 -7.75 16.30 -3.81
CA SER B 79 -6.95 17.34 -4.49
C SER B 79 -6.13 16.61 -5.56
N MET B 80 -5.51 17.37 -6.43
CA MET B 80 -4.70 16.86 -7.57
C MET B 80 -3.25 17.25 -7.29
N LEU B 81 -2.35 16.41 -7.77
CA LEU B 81 -0.91 16.65 -7.56
C LEU B 81 -0.47 18.04 -7.99
N GLU B 82 0.72 18.47 -7.57
CA GLU B 82 1.30 19.75 -7.95
C GLU B 82 2.62 19.44 -8.70
N LYS B 83 2.97 18.17 -8.53
CA LYS B 83 4.16 17.58 -9.16
C LYS B 83 4.42 16.20 -8.59
N ILE B 84 4.73 15.32 -9.53
CA ILE B 84 5.02 13.91 -9.22
C ILE B 84 6.54 13.80 -9.12
N TYR B 85 7.03 12.88 -8.30
CA TYR B 85 8.47 12.66 -8.13
C TYR B 85 8.72 11.13 -8.22
N ILE B 86 9.33 10.79 -9.33
CA ILE B 86 9.70 9.38 -9.60
C ILE B 86 11.08 9.27 -8.97
N HIS B 87 11.59 8.07 -8.84
CA HIS B 87 12.92 7.89 -8.21
C HIS B 87 13.90 7.34 -9.23
N PRO B 88 14.89 8.20 -9.50
CA PRO B 88 15.94 7.98 -10.47
C PRO B 88 16.67 6.69 -10.68
N ARG B 89 16.46 5.58 -10.02
CA ARG B 89 17.22 4.35 -10.37
C ARG B 89 16.18 3.22 -10.53
N TYR B 90 14.99 3.66 -10.88
CA TYR B 90 13.79 2.84 -11.12
C TYR B 90 14.02 1.82 -12.22
N ASN B 91 13.53 0.60 -12.03
CA ASN B 91 13.71 -0.44 -13.05
C ASN B 91 12.50 -1.09 -13.69
N TRP B 92 11.62 -0.29 -14.27
CA TRP B 92 10.44 -0.84 -14.95
C TRP B 92 10.91 -1.87 -15.99
N ARG B 93 12.14 -1.72 -16.42
CA ARG B 93 12.73 -2.61 -17.43
C ARG B 93 13.11 -3.99 -16.89
N GLU B 94 13.69 -3.93 -15.70
CA GLU B 94 14.23 -5.09 -15.01
C GLU B 94 13.29 -5.88 -14.14
N ASN B 95 12.85 -5.37 -12.99
CA ASN B 95 11.98 -6.17 -12.10
C ASN B 95 11.03 -5.28 -11.30
N LEU B 96 11.04 -4.01 -11.62
CA LEU B 96 10.21 -3.00 -10.93
C LEU B 96 10.82 -2.69 -9.56
N ASP B 97 12.11 -2.43 -9.63
CA ASP B 97 12.95 -2.06 -8.50
C ASP B 97 12.79 -0.57 -8.16
N ARG B 98 12.95 -0.31 -6.88
CA ARG B 98 12.82 1.03 -6.27
C ARG B 98 11.47 1.61 -6.77
N ASP B 99 10.56 0.66 -6.83
CA ASP B 99 9.18 0.92 -7.18
C ASP B 99 8.69 1.95 -6.15
N ILE B 100 8.93 3.22 -6.43
CA ILE B 100 8.48 4.26 -5.51
C ILE B 100 8.32 5.57 -6.25
N ALA B 101 7.51 6.43 -5.64
CA ALA B 101 7.28 7.78 -6.16
C ALA B 101 6.42 8.53 -5.15
N LEU B 102 6.53 9.83 -5.26
CA LEU B 102 5.84 10.75 -4.30
C LEU B 102 5.26 11.89 -5.14
N MET B 103 4.18 12.46 -4.60
CA MET B 103 3.38 13.52 -5.20
C MET B 103 3.04 14.70 -4.28
N LYS B 104 3.80 15.76 -4.50
CA LYS B 104 3.63 16.99 -3.70
C LYS B 104 2.29 17.63 -4.02
N LEU B 105 1.28 17.38 -3.20
CA LEU B 105 -0.04 17.98 -3.46
C LEU B 105 0.05 19.49 -3.73
N LYS B 106 -0.49 19.88 -4.87
CA LYS B 106 -0.54 21.27 -5.30
C LYS B 106 -1.14 22.11 -4.16
N LYS B 107 -1.90 21.36 -3.37
CA LYS B 107 -2.57 21.99 -2.21
C LYS B 107 -2.59 21.04 -1.01
N PRO B 108 -2.54 21.68 0.17
CA PRO B 108 -2.52 21.01 1.46
C PRO B 108 -3.91 20.59 1.94
N VAL B 109 -3.93 19.37 2.40
CA VAL B 109 -5.05 18.61 2.92
C VAL B 109 -5.15 18.73 4.44
N ALA B 110 -6.13 19.39 5.00
CA ALA B 110 -6.18 19.45 6.50
C ALA B 110 -6.87 18.17 6.99
N PHE B 111 -6.30 17.54 8.01
CA PHE B 111 -6.74 16.28 8.58
C PHE B 111 -8.07 16.30 9.37
N SER B 112 -8.47 15.06 9.68
CA SER B 112 -9.66 14.71 10.47
C SER B 112 -9.84 13.19 10.56
N ASP B 113 -10.75 12.74 11.39
CA ASP B 113 -11.10 11.37 11.73
C ASP B 113 -10.88 10.33 10.62
N TYR B 114 -10.86 10.83 9.40
CA TYR B 114 -10.72 10.05 8.15
C TYR B 114 -9.44 10.21 7.37
N ILE B 115 -8.84 11.38 7.51
CA ILE B 115 -7.56 11.78 6.88
C ILE B 115 -6.58 12.09 7.99
N HIS B 116 -5.60 11.21 8.19
CA HIS B 116 -4.58 11.34 9.27
C HIS B 116 -3.33 10.59 8.81
N PRO B 117 -2.17 11.24 8.93
CA PRO B 117 -0.90 10.70 8.44
C PRO B 117 -0.39 9.40 8.99
N VAL B 118 0.73 9.00 8.44
CA VAL B 118 1.51 7.80 8.79
C VAL B 118 2.95 8.29 8.92
N CYS B 119 3.78 7.57 9.65
CA CYS B 119 5.20 7.93 9.90
C CYS B 119 6.00 6.80 9.24
N LEU B 120 7.27 7.08 9.03
CA LEU B 120 8.16 6.09 8.38
C LEU B 120 9.22 5.59 9.34
N PRO B 121 9.62 4.34 9.19
CA PRO B 121 10.66 3.73 10.00
C PRO B 121 11.97 4.48 10.21
N ASP B 122 12.69 3.89 11.15
CA ASP B 122 14.01 4.20 11.70
C ASP B 122 14.62 2.79 11.91
N ARG B 123 15.84 2.62 11.47
CA ARG B 123 16.50 1.33 11.55
C ARG B 123 16.04 0.59 12.81
N GLU B 124 15.75 1.39 13.81
CA GLU B 124 15.26 0.91 15.11
C GLU B 124 13.94 0.16 14.89
N THR B 125 12.92 1.00 14.64
CA THR B 125 11.56 0.52 14.39
C THR B 125 11.68 -0.47 13.24
N ALA B 126 12.28 0.01 12.18
CA ALA B 126 12.50 -0.83 10.99
C ALA B 126 13.29 -2.09 11.31
N ALA B 127 13.59 -2.35 12.58
CA ALA B 127 14.36 -3.50 13.07
C ALA B 127 13.69 -4.48 14.03
N SER B 128 12.87 -3.90 14.88
CA SER B 128 12.08 -4.65 15.87
C SER B 128 11.19 -5.66 15.12
N LEU B 129 10.41 -5.08 14.24
CA LEU B 129 9.41 -5.62 13.34
C LEU B 129 9.86 -6.37 12.09
N LEU B 130 10.33 -5.66 11.08
CA LEU B 130 10.74 -6.30 9.81
C LEU B 130 11.44 -7.59 10.14
N GLN B 131 10.66 -8.59 10.53
CA GLN B 131 11.18 -9.90 10.92
C GLN B 131 10.28 -11.07 10.57
N ALA B 132 10.87 -12.14 10.08
CA ALA B 132 10.11 -13.34 9.69
C ALA B 132 9.01 -13.63 10.73
N GLY B 133 7.84 -13.96 10.24
CA GLY B 133 6.66 -14.32 11.02
C GLY B 133 5.80 -13.18 11.52
N TYR B 134 6.44 -12.05 11.68
CA TYR B 134 5.72 -10.87 12.22
C TYR B 134 4.86 -10.33 11.08
N LYS B 135 3.55 -10.26 11.29
CA LYS B 135 2.61 -9.79 10.25
C LYS B 135 2.46 -8.27 10.08
N GLY B 136 1.71 -7.96 9.02
CA GLY B 136 1.35 -6.61 8.57
C GLY B 136 0.00 -6.55 7.85
N ARG B 137 -0.72 -5.44 8.02
CA ARG B 137 -2.04 -5.29 7.34
C ARG B 137 -1.70 -4.43 6.10
N VAL B 138 -2.34 -4.82 5.01
CA VAL B 138 -2.22 -4.17 3.69
C VAL B 138 -3.63 -3.84 3.20
N THR B 139 -3.97 -2.60 2.93
CA THR B 139 -5.33 -2.31 2.46
C THR B 139 -5.45 -1.89 1.01
N GLY B 140 -6.70 -1.63 0.61
CA GLY B 140 -7.06 -1.25 -0.75
C GLY B 140 -8.40 -1.88 -1.18
N TRP B 141 -8.90 -1.32 -2.29
CA TRP B 141 -10.16 -1.70 -2.94
C TRP B 141 -9.96 -2.45 -4.28
N GLY B 142 -8.86 -3.17 -4.34
CA GLY B 142 -8.46 -3.98 -5.48
C GLY B 142 -9.41 -5.18 -5.60
N ASN B 143 -9.07 -5.99 -6.56
CA ASN B 143 -9.59 -7.21 -7.14
C ASN B 143 -9.91 -8.40 -6.26
N LEU B 144 -11.16 -8.54 -5.80
CA LEU B 144 -11.59 -9.56 -4.87
C LEU B 144 -11.13 -10.98 -5.17
N LYS B 145 -10.68 -11.20 -6.38
CA LYS B 145 -10.18 -12.52 -6.79
C LYS B 145 -9.38 -12.29 -8.07
N GLU B 146 -8.71 -13.33 -8.55
CA GLU B 146 -7.82 -13.22 -9.68
C GLU B 146 -8.31 -12.83 -11.08
N GLY B 155 -16.10 -8.53 -7.81
CA GLY B 155 -14.96 -8.25 -8.73
C GLY B 155 -14.08 -7.11 -8.19
N GLN B 156 -14.78 -6.27 -7.47
CA GLN B 156 -14.20 -5.10 -6.79
C GLN B 156 -15.12 -4.85 -5.59
N PRO B 157 -14.52 -4.55 -4.45
CA PRO B 157 -15.27 -4.33 -3.21
C PRO B 157 -16.13 -3.08 -3.43
N SER B 158 -17.01 -2.91 -2.48
CA SER B 158 -17.94 -1.76 -2.47
C SER B 158 -17.35 -0.74 -1.49
N VAL B 159 -16.52 -1.32 -0.64
CA VAL B 159 -15.74 -0.70 0.46
C VAL B 159 -14.33 -1.31 0.57
N LEU B 160 -13.49 -0.68 1.37
CA LEU B 160 -12.08 -1.03 1.61
C LEU B 160 -11.77 -2.45 2.04
N GLN B 161 -10.59 -2.90 1.61
CA GLN B 161 -10.23 -4.30 1.94
C GLN B 161 -8.91 -4.42 2.69
N VAL B 162 -8.96 -5.06 3.86
CA VAL B 162 -7.87 -5.31 4.80
C VAL B 162 -7.51 -6.79 5.01
N VAL B 163 -6.25 -7.08 4.82
CA VAL B 163 -5.62 -8.40 5.03
C VAL B 163 -4.46 -8.14 6.02
N ASN B 164 -3.90 -9.22 6.50
CA ASN B 164 -2.81 -9.36 7.43
C ASN B 164 -1.93 -10.48 6.90
N LEU B 165 -0.66 -10.12 6.83
CA LEU B 165 0.37 -11.07 6.42
C LEU B 165 1.71 -11.00 7.19
N PRO B 166 2.24 -12.22 7.37
CA PRO B 166 3.49 -12.46 8.01
C PRO B 166 4.70 -12.22 7.09
N ILE B 167 5.80 -11.71 7.57
CA ILE B 167 6.97 -11.62 6.64
C ILE B 167 7.34 -13.05 6.25
N VAL B 168 8.31 -13.18 5.39
CA VAL B 168 8.80 -14.47 4.88
C VAL B 168 10.33 -14.58 4.85
N GLU B 169 10.80 -15.78 5.22
CA GLU B 169 12.23 -16.06 5.24
C GLU B 169 12.79 -15.63 3.90
N ARG B 170 13.65 -14.63 3.94
CA ARG B 170 14.29 -14.00 2.73
C ARG B 170 14.66 -15.04 1.65
N PRO B 171 15.15 -16.24 2.03
CA PRO B 171 15.50 -17.29 1.06
C PRO B 171 14.27 -17.79 0.29
N VAL B 172 13.39 -18.34 1.07
CA VAL B 172 12.10 -18.91 0.62
C VAL B 172 11.45 -17.90 -0.31
N CYS B 173 11.58 -16.62 -0.02
CA CYS B 173 11.04 -15.56 -0.86
C CYS B 173 11.76 -15.54 -2.23
N LYS B 174 12.97 -16.08 -2.24
CA LYS B 174 13.74 -16.10 -3.49
C LYS B 174 13.28 -17.12 -4.51
N ASP B 175 12.95 -18.29 -4.03
CA ASP B 175 12.52 -19.42 -4.88
C ASP B 175 11.01 -19.57 -4.90
N SER B 176 10.41 -18.40 -4.75
CA SER B 176 8.93 -18.31 -4.82
C SER B 176 8.78 -17.96 -6.32
N THR B 177 9.57 -16.94 -6.64
CA THR B 177 9.66 -16.35 -7.96
C THR B 177 10.74 -17.07 -8.78
N ARG B 178 11.11 -16.26 -9.75
CA ARG B 178 12.14 -16.57 -10.74
C ARG B 178 12.66 -15.22 -11.23
N ILE B 179 12.06 -14.18 -10.66
CA ILE B 179 12.55 -12.82 -11.02
C ILE B 179 13.66 -12.62 -9.96
N ARG B 180 14.68 -11.90 -10.32
CA ARG B 180 15.82 -11.64 -9.40
C ARG B 180 15.42 -10.49 -8.48
N ILE B 181 15.37 -10.79 -7.19
CA ILE B 181 14.99 -9.86 -6.13
C ILE B 181 16.18 -9.18 -5.49
N THR B 182 15.92 -7.95 -5.11
CA THR B 182 16.94 -7.10 -4.46
C THR B 182 16.61 -6.89 -2.99
N ASP B 183 17.68 -6.73 -2.22
CA ASP B 183 17.62 -6.51 -0.76
C ASP B 183 16.70 -5.32 -0.45
N ASN B 184 16.12 -4.77 -1.51
CA ASN B 184 15.27 -3.59 -1.47
C ASN B 184 13.78 -3.95 -1.53
N MET B 185 13.51 -5.14 -2.03
CA MET B 185 12.12 -5.64 -2.14
C MET B 185 11.85 -6.60 -1.00
N PHE B 186 10.69 -6.58 -0.38
CA PHE B 186 10.39 -7.53 0.74
C PHE B 186 9.12 -8.31 0.41
N CYS B 187 9.05 -9.62 0.70
CA CYS B 187 7.85 -10.40 0.35
C CYS B 187 6.99 -10.90 1.51
N ALA B 188 5.69 -10.66 1.45
CA ALA B 188 4.76 -11.10 2.49
C ALA B 188 3.91 -12.30 2.08
N GLY B 189 2.88 -12.60 2.87
CA GLY B 189 1.92 -13.65 2.72
C GLY B 189 2.17 -15.05 3.21
N TYR B 190 1.10 -15.62 3.78
CA TYR B 190 1.09 -16.97 4.34
C TYR B 190 1.65 -18.01 3.38
N LYS B 191 1.72 -19.25 3.83
CA LYS B 191 2.22 -20.40 3.10
C LYS B 191 1.17 -21.40 2.58
N PRO B 192 1.72 -22.31 1.77
CA PRO B 192 0.94 -23.39 1.16
C PRO B 192 0.38 -24.25 2.31
N ASP B 193 1.35 -24.70 3.08
CA ASP B 193 1.13 -25.57 4.24
C ASP B 193 0.29 -24.92 5.34
N GLU B 194 0.56 -23.65 5.59
CA GLU B 194 -0.11 -22.89 6.64
C GLU B 194 -1.60 -23.09 6.79
N GLY B 195 -2.32 -23.21 5.70
CA GLY B 195 -3.78 -23.41 5.74
C GLY B 195 -4.50 -22.11 6.07
N LYS B 196 -4.29 -21.15 5.18
CA LYS B 196 -4.93 -19.81 5.35
C LYS B 196 -4.38 -18.91 4.26
N ARG B 197 -5.26 -18.14 3.66
CA ARG B 197 -4.91 -17.26 2.54
C ARG B 197 -5.14 -15.78 2.73
N GLY B 198 -4.59 -15.03 1.77
CA GLY B 198 -4.64 -13.57 1.68
C GLY B 198 -3.67 -13.10 0.58
N ASP B 199 -3.90 -11.90 0.07
CA ASP B 199 -3.08 -11.26 -0.98
C ASP B 199 -3.70 -9.95 -1.48
N ALA B 200 -2.91 -8.93 -1.73
CA ALA B 200 -3.48 -7.65 -2.25
C ALA B 200 -3.32 -7.75 -3.78
N CYS B 201 -4.43 -7.65 -4.48
CA CYS B 201 -4.57 -7.85 -6.00
C CYS B 201 -4.72 -6.56 -6.80
N GLU B 202 -5.05 -6.78 -8.09
CA GLU B 202 -5.18 -5.69 -9.05
C GLU B 202 -5.74 -4.44 -8.34
N GLY B 203 -5.02 -3.36 -8.48
CA GLY B 203 -5.49 -2.10 -7.89
C GLY B 203 -5.21 -2.01 -6.40
N ASP B 204 -4.69 -3.12 -5.92
CA ASP B 204 -4.37 -3.06 -4.45
C ASP B 204 -3.14 -2.15 -4.44
N SER B 205 -2.44 -2.29 -5.57
CA SER B 205 -1.19 -1.60 -5.93
C SER B 205 -1.12 -0.15 -5.46
N GLY B 206 0.09 0.23 -5.06
CA GLY B 206 0.47 1.56 -4.59
C GLY B 206 0.02 1.84 -3.16
N GLY B 207 -0.51 0.74 -2.63
CA GLY B 207 -1.08 0.65 -1.29
C GLY B 207 0.00 0.49 -0.22
N PRO B 208 -0.43 0.87 0.99
CA PRO B 208 0.41 0.83 2.16
C PRO B 208 0.52 -0.56 2.77
N PHE B 209 1.62 -0.68 3.50
CA PHE B 209 1.95 -1.89 4.29
C PHE B 209 2.32 -1.37 5.70
N VAL B 210 1.26 -0.90 6.34
CA VAL B 210 1.33 -0.35 7.68
C VAL B 210 1.39 -1.55 8.64
N MET B 211 2.33 -1.46 9.56
CA MET B 211 2.69 -2.42 10.63
C MET B 211 2.60 -1.69 11.98
N LYS B 212 2.14 -2.36 13.03
CA LYS B 212 2.01 -1.68 14.33
C LYS B 212 3.13 -1.96 15.34
N SER B 213 3.71 -0.85 15.79
CA SER B 213 4.83 -0.80 16.75
C SER B 213 4.31 -0.99 18.18
N PRO B 214 4.80 -2.04 18.86
CA PRO B 214 4.41 -2.38 20.22
C PRO B 214 5.06 -1.41 21.24
N PHE B 215 6.14 -0.80 20.78
CA PHE B 215 6.89 0.20 21.57
C PHE B 215 6.01 1.43 21.78
N ASN B 216 5.90 2.28 20.76
CA ASN B 216 5.07 3.49 20.94
C ASN B 216 3.64 3.35 20.42
N ASN B 217 3.28 2.13 20.12
CA ASN B 217 1.94 1.76 19.62
C ASN B 217 1.48 2.69 18.50
N ARG B 218 2.44 3.01 17.65
CA ARG B 218 2.30 3.88 16.49
C ARG B 218 2.14 2.91 15.30
N TRP B 219 1.66 3.46 14.20
CA TRP B 219 1.42 2.76 12.92
C TRP B 219 2.57 3.11 11.98
N TYR B 220 3.32 2.11 11.59
CA TYR B 220 4.52 2.30 10.77
C TYR B 220 4.49 1.72 9.38
N GLN B 221 4.45 2.61 8.37
CA GLN B 221 4.40 2.18 6.95
C GLN B 221 5.66 1.41 6.56
N MET B 222 5.59 0.10 6.66
CA MET B 222 6.75 -0.74 6.31
C MET B 222 6.93 -0.96 4.81
N GLY B 223 5.87 -0.85 4.01
CA GLY B 223 6.01 -1.10 2.57
C GLY B 223 5.04 -0.44 1.62
N ILE B 224 5.20 -0.89 0.37
CA ILE B 224 4.40 -0.48 -0.80
C ILE B 224 4.17 -1.64 -1.76
N VAL B 225 2.90 -1.81 -2.17
CA VAL B 225 2.47 -2.91 -3.06
C VAL B 225 3.23 -2.74 -4.39
N SER B 226 4.13 -3.66 -4.67
CA SER B 226 4.90 -3.54 -5.93
C SER B 226 4.44 -4.57 -6.96
N TRP B 227 4.61 -5.82 -6.54
CA TRP B 227 4.27 -6.88 -7.49
C TRP B 227 3.82 -8.19 -6.88
N GLY B 228 3.90 -9.13 -7.81
CA GLY B 228 3.51 -10.53 -7.73
C GLY B 228 2.87 -10.89 -9.10
N GLU B 229 3.25 -12.11 -9.45
CA GLU B 229 2.76 -12.72 -10.69
C GLU B 229 1.62 -13.61 -10.15
N GLY B 230 0.43 -13.02 -10.01
CA GLY B 230 -0.73 -13.77 -9.51
C GLY B 230 -1.73 -13.07 -8.58
N CYS B 231 -2.42 -13.94 -7.82
CA CYS B 231 -3.39 -13.53 -6.79
C CYS B 231 -3.84 -14.73 -5.94
N ASP B 232 -2.95 -15.05 -5.02
CA ASP B 232 -3.14 -16.10 -4.01
C ASP B 232 -2.99 -17.55 -4.54
N ARG B 233 -1.82 -17.84 -5.12
CA ARG B 233 -1.48 -19.20 -5.63
C ARG B 233 -0.76 -20.04 -4.48
N ASP B 234 -1.03 -21.35 -4.22
CA ASP B 234 -0.32 -22.21 -3.14
C ASP B 234 1.11 -22.35 -3.67
N GLY B 235 1.91 -21.31 -3.42
CA GLY B 235 3.30 -21.33 -3.89
C GLY B 235 4.06 -20.05 -4.06
N LYS B 236 3.40 -18.92 -3.87
CA LYS B 236 4.02 -17.60 -3.98
C LYS B 236 3.32 -16.58 -3.06
N TYR B 237 4.12 -15.55 -2.83
CA TYR B 237 3.80 -14.41 -1.96
C TYR B 237 3.89 -13.14 -2.80
N GLY B 238 3.28 -12.08 -2.33
CA GLY B 238 3.38 -10.78 -3.06
C GLY B 238 4.75 -10.17 -2.71
N PHE B 239 5.14 -9.10 -3.36
CA PHE B 239 6.45 -8.46 -3.03
C PHE B 239 6.15 -6.98 -2.84
N TYR B 240 6.77 -6.37 -1.86
CA TYR B 240 6.51 -4.94 -1.60
C TYR B 240 7.86 -4.21 -1.54
N THR B 241 7.74 -2.89 -1.42
CA THR B 241 8.90 -2.01 -1.37
C THR B 241 9.37 -1.58 0.02
N HIS B 242 10.70 -1.71 0.17
CA HIS B 242 11.39 -1.33 1.40
C HIS B 242 11.13 0.13 1.74
N VAL B 243 10.01 0.55 2.25
CA VAL B 243 9.83 1.98 2.49
C VAL B 243 11.10 2.64 3.04
N PHE B 244 11.98 1.80 3.56
CA PHE B 244 13.21 2.18 4.24
C PHE B 244 14.54 2.31 3.53
N ARG B 245 15.12 1.20 3.07
CA ARG B 245 16.44 1.36 2.38
C ARG B 245 16.34 2.73 1.71
N LEU B 246 15.31 2.87 0.91
CA LEU B 246 14.88 4.05 0.19
C LEU B 246 14.39 5.16 1.13
N LYS B 247 14.60 4.98 2.42
CA LYS B 247 14.17 5.96 3.44
C LYS B 247 14.96 7.26 3.29
N LYS B 248 16.09 7.09 2.61
CA LYS B 248 17.06 8.13 2.28
C LYS B 248 16.45 9.11 1.26
N TRP B 249 16.15 8.49 0.11
CA TRP B 249 15.57 9.19 -1.02
C TRP B 249 14.24 9.85 -0.62
N ILE B 250 13.32 9.01 -0.15
CA ILE B 250 11.99 9.53 0.20
C ILE B 250 12.15 11.04 0.39
N PRO C 2 3.49 -5.87 -12.69
CA PRO C 2 2.33 -5.61 -11.79
C PRO C 2 1.14 -6.54 -12.37
N SER C 4 -1.75 -9.79 -13.11
CA SER C 4 -0.89 -10.13 -14.21
C SER C 4 -0.54 -11.58 -14.75
N LEU C 6 2.46 -15.36 -14.95
CA LEU C 6 2.70 -16.72 -14.47
C LEU C 6 3.87 -17.44 -15.11
N LYS C 13 4.54 -10.50 -19.95
CA LYS C 13 4.64 -9.11 -20.44
C LYS C 13 3.46 -8.79 -21.37
N TYR C 14 2.29 -8.93 -20.78
CA TYR C 14 1.01 -8.67 -21.45
C TYR C 14 0.18 -7.77 -20.53
N GLU C 15 -0.43 -6.77 -21.10
CA GLU C 15 -1.25 -5.81 -20.36
C GLU C 15 -2.36 -6.44 -19.53
N PRO C 16 -3.29 -5.57 -19.13
CA PRO C 16 -4.41 -5.97 -18.29
C PRO C 16 -5.36 -6.97 -18.95
N PHE C 17 -5.71 -8.00 -18.20
CA PHE C 17 -6.71 -8.99 -18.66
C PHE C 17 -6.15 -10.16 -19.51
#